data_6C2C
#
_entry.id   6C2C
#
_cell.length_a   57.600
_cell.length_b   88.150
_cell.length_c   119.800
_cell.angle_alpha   90.00
_cell.angle_beta   90.00
_cell.angle_gamma   90.00
#
_symmetry.space_group_name_H-M   'P 21 21 21'
#
loop_
_entity.id
_entity.type
_entity.pdbx_description
1 polymer 'dihydrocoumarin hydrolase, AncDHCH1'
2 non-polymer 'ZINC ION'
3 non-polymer 'MAGNESIUM ION'
4 non-polymer DI(HYDROXYETHYL)ETHER
5 water water
#
_entity_poly.entity_id   1
_entity_poly.type   'polypeptide(L)'
_entity_poly.pdbx_seq_one_letter_code
;GTIGSMAAAPQVKTQAPGFYRMMLGDFEVTALSDGTVDLPVDKLLNQPPAKTQSALAKSFLKAPLETSVNAYLVNTGSKL
VLVDTGAAGLFGPTLGKLAANLKAAGYQPEQVDEIYITHMHPDHVGGLMANEQAAFPNAVVRADQKDADFWLSQANLDKA
PDDEKGFFQGAMASLNPYVKAGKFKPFSGNTDLVPGIKALASHGHTPGHTTYVVESKGQKLVLLGDLIHVAAVQFDDPSV
TIQFDSDSKAAAAERKKAFADAAKGGYLIGAAHLSFPGIGHIRADGKGYRFVPVNYSVA
;
_entity_poly.pdbx_strand_id   A,B
#
# COMPACT_ATOMS: atom_id res chain seq x y z
N GLY A 1 2.35 -32.80 24.27
CA GLY A 1 1.55 -31.78 24.94
C GLY A 1 0.55 -32.40 25.88
N THR A 2 -0.12 -31.56 26.68
CA THR A 2 -1.17 -32.06 27.56
C THR A 2 -2.39 -32.46 26.74
N ILE A 3 -3.17 -33.37 27.35
CA ILE A 3 -4.36 -33.94 26.75
C ILE A 3 -5.16 -32.97 25.89
N GLY A 4 -5.36 -33.34 24.63
CA GLY A 4 -6.13 -32.48 23.75
C GLY A 4 -5.46 -31.20 23.34
N SER A 5 -4.13 -31.09 23.49
CA SER A 5 -3.39 -29.97 22.91
C SER A 5 -3.72 -29.83 21.42
N MET A 6 -4.08 -28.64 21.00
CA MET A 6 -4.48 -28.40 19.62
C MET A 6 -3.26 -28.15 18.77
N ALA A 7 -3.30 -28.56 17.52
CA ALA A 7 -2.18 -28.35 16.61
C ALA A 7 -2.01 -26.85 16.36
N ALA A 8 -0.78 -26.50 15.97
CA ALA A 8 -0.47 -25.12 15.63
C ALA A 8 -1.28 -24.68 14.42
N ALA A 9 -1.86 -23.47 14.52
CA ALA A 9 -2.71 -22.93 13.46
C ALA A 9 -1.94 -22.83 12.14
N PRO A 10 -2.54 -23.29 11.05
CA PRO A 10 -1.84 -23.20 9.80
C PRO A 10 -1.78 -21.76 9.27
N GLN A 11 -0.85 -21.49 8.39
CA GLN A 11 -0.73 -20.19 7.76
C GLN A 11 -1.87 -20.06 6.78
N VAL A 12 -2.46 -18.87 6.69
CA VAL A 12 -3.60 -18.63 5.84
C VAL A 12 -3.16 -18.20 4.45
N LYS A 13 -2.11 -17.37 4.41
CA LYS A 13 -1.46 -16.90 3.18
C LYS A 13 -2.19 -16.00 2.15
N THR A 14 -3.51 -16.02 2.13
CA THR A 14 -4.26 -15.27 1.17
C THR A 14 -4.18 -13.76 1.44
N GLN A 15 -4.07 -13.00 0.37
CA GLN A 15 -3.99 -11.58 0.49
C GLN A 15 -5.36 -10.97 0.71
N ALA A 16 -5.33 -9.75 1.23
CA ALA A 16 -6.50 -8.92 1.40
C ALA A 16 -7.06 -8.53 0.04
N PRO A 17 -8.31 -8.15 0.01
CA PRO A 17 -8.89 -7.74 -1.25
C PRO A 17 -8.11 -6.59 -1.88
N GLY A 18 -7.75 -6.74 -3.14
CA GLY A 18 -6.96 -5.71 -3.79
C GLY A 18 -7.79 -4.55 -4.32
N PHE A 19 -8.30 -3.72 -3.43
CA PHE A 19 -8.87 -2.42 -3.83
C PHE A 19 -8.42 -1.39 -2.82
N TYR A 20 -8.36 -0.14 -3.26
CA TYR A 20 -7.95 0.96 -2.39
C TYR A 20 -8.80 2.16 -2.72
N ARG A 21 -9.55 2.67 -1.74
CA ARG A 21 -10.44 3.81 -1.91
C ARG A 21 -9.72 5.12 -1.66
N MET A 22 -10.00 6.12 -2.50
CA MET A 22 -9.41 7.45 -2.35
C MET A 22 -10.42 8.48 -2.85
N MET A 23 -10.73 9.50 -2.05
CA MET A 23 -11.54 10.59 -2.58
C MET A 23 -10.70 11.56 -3.36
N LEU A 24 -11.33 12.10 -4.42
CA LEU A 24 -10.69 13.10 -5.31
C LEU A 24 -11.74 14.17 -5.52
N GLY A 25 -11.75 15.21 -4.66
CA GLY A 25 -12.85 16.16 -4.71
C GLY A 25 -14.15 15.44 -4.43
N ASP A 26 -15.11 15.66 -5.30
CA ASP A 26 -16.41 15.01 -5.21
C ASP A 26 -16.38 13.57 -5.74
N PHE A 27 -15.30 13.16 -6.41
CA PHE A 27 -15.27 11.85 -7.03
C PHE A 27 -14.70 10.83 -6.06
N GLU A 28 -15.21 9.60 -6.14
CA GLU A 28 -14.65 8.46 -5.45
C GLU A 28 -13.80 7.64 -6.42
N VAL A 29 -12.50 7.51 -6.12
CA VAL A 29 -11.58 6.67 -6.91
C VAL A 29 -11.40 5.36 -6.16
N THR A 30 -11.48 4.24 -6.88
CA THR A 30 -11.12 2.94 -6.31
C THR A 30 -10.04 2.34 -7.21
N ALA A 31 -8.79 2.28 -6.73
CA ALA A 31 -7.77 1.48 -7.42
C ALA A 31 -8.16 0.01 -7.29
N LEU A 32 -8.10 -0.71 -8.40
CA LEU A 32 -8.42 -2.11 -8.44
C LEU A 32 -7.20 -2.90 -8.87
N SER A 33 -6.87 -3.94 -8.12
CA SER A 33 -5.76 -4.79 -8.52
C SER A 33 -6.24 -5.94 -9.40
N ASP A 34 -5.54 -6.19 -10.49
CA ASP A 34 -5.82 -7.39 -11.24
C ASP A 34 -4.96 -8.56 -10.80
N GLY A 35 -4.12 -8.35 -9.80
CA GLY A 35 -3.09 -9.33 -9.44
C GLY A 35 -1.72 -8.75 -9.75
N THR A 36 -0.72 -9.62 -9.66
CA THR A 36 0.64 -9.32 -10.07
C THR A 36 1.12 -10.41 -11.01
N VAL A 37 2.23 -10.11 -11.70
CA VAL A 37 2.89 -11.10 -12.57
C VAL A 37 4.39 -10.81 -12.60
N ASP A 38 5.20 -11.86 -12.56
CA ASP A 38 6.65 -11.67 -12.57
C ASP A 38 7.07 -11.30 -13.98
N LEU A 39 7.96 -10.33 -14.08
CA LEU A 39 8.49 -9.88 -15.35
C LEU A 39 10.01 -10.04 -15.35
N PRO A 40 10.60 -10.60 -16.41
CA PRO A 40 12.07 -10.66 -16.54
C PRO A 40 12.59 -9.31 -17.01
N VAL A 41 12.57 -8.33 -16.11
CA VAL A 41 12.87 -6.96 -16.53
C VAL A 41 14.33 -6.76 -16.93
N ASP A 42 15.25 -7.61 -16.47
CA ASP A 42 16.63 -7.50 -16.91
C ASP A 42 16.72 -7.72 -18.42
N LYS A 43 15.87 -8.60 -18.93
CA LYS A 43 15.82 -8.86 -20.34
C LYS A 43 14.93 -7.88 -21.14
N LEU A 44 13.82 -7.48 -20.57
CA LEU A 44 12.86 -6.65 -21.28
C LEU A 44 13.30 -5.18 -21.38
N LEU A 45 13.96 -4.64 -20.35
CA LEU A 45 14.39 -3.24 -20.44
C LEU A 45 15.51 -3.07 -21.47
N ASN A 46 15.51 -1.92 -22.13
CA ASN A 46 16.42 -1.68 -23.27
C ASN A 46 17.70 -1.02 -22.79
N GLN A 47 18.37 -1.77 -21.91
CA GLN A 47 19.70 -1.40 -21.43
C GLN A 47 20.36 -2.68 -20.91
N PRO A 48 21.66 -2.65 -20.65
CA PRO A 48 22.35 -3.88 -20.27
C PRO A 48 21.83 -4.40 -18.94
N PRO A 49 21.61 -5.73 -18.83
CA PRO A 49 21.13 -6.33 -17.57
C PRO A 49 21.87 -5.87 -16.33
N ALA A 50 23.19 -5.68 -16.40
CA ALA A 50 23.92 -5.26 -15.22
C ALA A 50 23.45 -3.91 -14.68
N LYS A 51 23.09 -2.96 -15.57
CA LYS A 51 22.59 -1.67 -15.10
C LYS A 51 21.23 -1.84 -14.42
N THR A 52 20.38 -2.68 -15.02
CA THR A 52 19.09 -2.97 -14.41
C THR A 52 19.28 -3.66 -13.08
N GLN A 53 20.17 -4.66 -13.04
CA GLN A 53 20.43 -5.38 -11.79
C GLN A 53 20.90 -4.42 -10.71
N SER A 54 21.84 -3.54 -11.03
CA SER A 54 22.28 -2.56 -10.05
C SER A 54 21.14 -1.66 -9.57
N ALA A 55 20.29 -1.18 -10.49
CA ALA A 55 19.17 -0.32 -10.08
C ALA A 55 18.20 -1.07 -9.18
N LEU A 56 17.87 -2.33 -9.53
CA LEU A 56 16.96 -3.10 -8.71
C LEU A 56 17.54 -3.30 -7.32
N ALA A 57 18.84 -3.55 -7.24
CA ALA A 57 19.42 -3.81 -5.93
C ALA A 57 19.31 -2.56 -5.04
N LYS A 58 19.44 -1.40 -5.63
CA LYS A 58 19.33 -0.17 -4.89
C LYS A 58 17.95 -0.03 -4.19
N SER A 59 16.93 -0.64 -4.77
CA SER A 59 15.59 -0.60 -4.22
C SER A 59 15.21 -1.95 -3.59
N PHE A 60 16.21 -2.80 -3.34
CA PHE A 60 16.04 -4.09 -2.65
C PHE A 60 15.11 -5.01 -3.42
N LEU A 61 15.27 -4.98 -4.73
CA LEU A 61 14.53 -5.82 -5.66
C LEU A 61 15.52 -6.63 -6.49
N LYS A 62 14.97 -7.62 -7.17
CA LYS A 62 15.72 -8.46 -8.08
C LYS A 62 14.79 -9.04 -9.13
N ALA A 63 15.34 -9.33 -10.28
CA ALA A 63 14.58 -9.93 -11.37
C ALA A 63 14.49 -11.45 -11.19
N PRO A 64 13.38 -12.07 -11.53
CA PRO A 64 12.14 -11.51 -12.05
C PRO A 64 11.36 -10.72 -10.99
N LEU A 65 10.81 -9.64 -11.48
CA LEU A 65 10.17 -8.69 -10.66
C LEU A 65 8.66 -8.83 -10.68
N GLU A 66 8.13 -9.01 -9.51
CA GLU A 66 6.67 -9.10 -9.37
C GLU A 66 6.07 -7.74 -9.64
N THR A 67 5.28 -7.65 -10.72
CA THR A 67 4.78 -6.38 -11.22
C THR A 67 3.27 -6.33 -11.06
N SER A 68 2.79 -5.23 -10.45
CA SER A 68 1.37 -5.00 -10.32
C SER A 68 0.72 -4.71 -11.66
N VAL A 69 -0.55 -5.05 -11.75
CA VAL A 69 -1.41 -4.71 -12.87
C VAL A 69 -2.64 -4.05 -12.29
N ASN A 70 -2.80 -2.75 -12.54
CA ASN A 70 -3.85 -1.95 -11.87
C ASN A 70 -4.83 -1.37 -12.87
N ALA A 71 -6.05 -1.12 -12.37
CA ALA A 71 -7.08 -0.40 -13.09
C ALA A 71 -7.68 0.58 -12.11
N TYR A 72 -8.48 1.55 -12.57
CA TYR A 72 -8.97 2.62 -11.69
C TYR A 72 -10.45 2.90 -11.95
N LEU A 73 -11.29 2.72 -10.91
CA LEU A 73 -12.73 2.98 -11.01
C LEU A 73 -12.94 4.41 -10.53
N VAL A 74 -13.82 5.16 -11.21
CA VAL A 74 -14.11 6.54 -10.81
C VAL A 74 -15.64 6.73 -10.78
N ASN A 75 -16.15 7.07 -9.62
CA ASN A 75 -17.59 7.34 -9.46
C ASN A 75 -17.70 8.86 -9.36
N THR A 76 -18.21 9.48 -10.44
CA THR A 76 -18.29 10.94 -10.56
C THR A 76 -19.60 11.43 -10.03
N GLY A 77 -20.44 10.54 -9.55
CA GLY A 77 -21.84 10.89 -9.21
C GLY A 77 -22.81 10.73 -10.34
N SER A 78 -22.50 11.25 -11.51
CA SER A 78 -23.38 11.06 -12.66
C SER A 78 -22.98 9.83 -13.48
N LYS A 79 -21.76 9.31 -13.31
CA LYS A 79 -21.22 8.23 -14.13
C LYS A 79 -20.36 7.32 -13.26
N LEU A 80 -20.42 6.03 -13.49
CA LEU A 80 -19.40 5.11 -12.96
C LEU A 80 -18.51 4.69 -14.14
N VAL A 81 -17.23 5.03 -14.07
CA VAL A 81 -16.26 4.87 -15.17
CA VAL A 81 -16.33 4.75 -15.18
C VAL A 81 -15.14 3.97 -14.70
N LEU A 82 -14.70 3.06 -15.54
CA LEU A 82 -13.59 2.17 -15.19
C LEU A 82 -12.48 2.41 -16.20
N VAL A 83 -11.28 2.71 -15.71
CA VAL A 83 -10.09 2.91 -16.56
C VAL A 83 -9.22 1.67 -16.46
N ASP A 84 -9.20 0.96 -17.58
CA ASP A 84 -8.56 -0.32 -17.78
C ASP A 84 -9.29 -1.47 -17.07
N THR A 85 -8.99 -2.71 -17.46
CA THR A 85 -9.74 -3.85 -16.93
C THR A 85 -8.98 -5.08 -16.58
N GLY A 86 -7.68 -4.95 -16.50
CA GLY A 86 -6.89 -6.14 -16.24
C GLY A 86 -6.90 -7.12 -17.41
N ALA A 87 -6.39 -8.32 -17.11
CA ALA A 87 -6.03 -9.33 -18.11
C ALA A 87 -6.99 -10.48 -18.29
N ALA A 88 -7.93 -10.66 -17.36
CA ALA A 88 -8.79 -11.83 -17.44
C ALA A 88 -7.77 -12.97 -17.40
N GLY A 89 -7.93 -13.97 -18.24
CA GLY A 89 -6.92 -15.04 -18.32
C GLY A 89 -5.95 -14.96 -19.48
N LEU A 90 -5.73 -13.77 -20.03
CA LEU A 90 -4.88 -13.66 -21.22
C LEU A 90 -3.40 -13.70 -20.91
N PHE A 91 -3.03 -13.51 -19.65
CA PHE A 91 -1.62 -13.37 -19.35
C PHE A 91 -1.29 -14.20 -18.12
N GLY A 92 -1.85 -15.40 -18.05
CA GLY A 92 -1.45 -16.38 -17.05
C GLY A 92 -2.39 -16.47 -15.87
N PRO A 93 -2.16 -17.44 -14.98
CA PRO A 93 -3.10 -17.66 -13.88
C PRO A 93 -2.99 -16.69 -12.71
N THR A 94 -1.98 -15.79 -12.64
CA THR A 94 -1.84 -14.88 -11.51
C THR A 94 -2.60 -13.57 -11.70
N LEU A 95 -3.20 -13.36 -12.86
CA LEU A 95 -3.94 -12.12 -13.09
C LEU A 95 -5.41 -12.47 -13.22
N GLY A 96 -6.20 -11.52 -13.70
CA GLY A 96 -7.63 -11.74 -13.75
C GLY A 96 -8.36 -11.57 -12.44
N LYS A 97 -7.75 -10.92 -11.44
CA LYS A 97 -8.42 -10.75 -10.16
C LYS A 97 -9.34 -9.54 -10.12
N LEU A 98 -9.36 -8.72 -11.18
CA LEU A 98 -10.14 -7.49 -11.12
C LEU A 98 -11.62 -7.74 -10.79
N ALA A 99 -12.25 -8.73 -11.43
CA ALA A 99 -13.66 -8.94 -11.20
C ALA A 99 -13.95 -9.18 -9.72
N ALA A 100 -13.14 -10.01 -9.06
CA ALA A 100 -13.38 -10.27 -7.63
C ALA A 100 -13.11 -9.02 -6.79
N ASN A 101 -12.13 -8.20 -7.18
CA ASN A 101 -11.81 -7.02 -6.39
C ASN A 101 -12.81 -5.91 -6.59
N LEU A 102 -13.40 -5.81 -7.79
CA LEU A 102 -14.51 -4.89 -8.04
C LEU A 102 -15.68 -5.24 -7.12
N LYS A 103 -15.99 -6.53 -7.03
CA LYS A 103 -17.07 -6.97 -6.15
C LYS A 103 -16.76 -6.65 -4.70
N ALA A 104 -15.52 -6.93 -4.29
CA ALA A 104 -15.17 -6.60 -2.90
C ALA A 104 -15.25 -5.10 -2.64
N ALA A 105 -15.00 -4.29 -3.67
CA ALA A 105 -15.07 -2.84 -3.57
C ALA A 105 -16.50 -2.32 -3.58
N GLY A 106 -17.47 -3.21 -3.73
CA GLY A 106 -18.83 -2.78 -3.52
C GLY A 106 -19.59 -2.44 -4.79
N TYR A 107 -19.06 -2.81 -5.97
CA TYR A 107 -19.75 -2.55 -7.21
C TYR A 107 -19.93 -3.81 -8.03
N GLN A 108 -20.90 -3.76 -8.95
CA GLN A 108 -21.15 -4.86 -9.85
C GLN A 108 -20.87 -4.44 -11.27
N PRO A 109 -20.46 -5.39 -12.12
CA PRO A 109 -20.14 -4.98 -13.51
C PRO A 109 -21.26 -4.27 -14.24
N GLU A 110 -22.52 -4.62 -13.98
CA GLU A 110 -23.61 -3.99 -14.68
C GLU A 110 -23.78 -2.52 -14.30
N GLN A 111 -23.11 -2.05 -13.24
CA GLN A 111 -23.21 -0.67 -12.86
C GLN A 111 -22.26 0.25 -13.62
N VAL A 112 -21.30 -0.33 -14.34
CA VAL A 112 -20.28 0.47 -15.03
C VAL A 112 -20.88 1.07 -16.32
N ASP A 113 -20.80 2.40 -16.44
CA ASP A 113 -21.37 3.13 -17.58
C ASP A 113 -20.43 3.23 -18.75
N GLU A 114 -19.14 3.50 -18.50
CA GLU A 114 -18.18 3.71 -19.57
C GLU A 114 -16.88 3.10 -19.07
N ILE A 115 -16.10 2.60 -20.03
CA ILE A 115 -14.80 1.99 -19.73
C ILE A 115 -13.82 2.66 -20.67
N TYR A 116 -12.73 3.22 -20.12
CA TYR A 116 -11.71 3.89 -20.91
C TYR A 116 -10.43 3.06 -20.89
N ILE A 117 -9.94 2.72 -22.08
CA ILE A 117 -8.81 1.81 -22.23
C ILE A 117 -7.56 2.63 -22.55
N THR A 118 -6.52 2.52 -21.72
CA THR A 118 -5.31 3.30 -22.02
C THR A 118 -4.64 2.79 -23.30
N HIS A 119 -4.65 1.47 -23.49
CA HIS A 119 -4.11 0.86 -24.70
C HIS A 119 -4.54 -0.60 -24.72
N MET A 120 -4.53 -1.19 -25.92
CA MET A 120 -5.12 -2.54 -26.05
C MET A 120 -4.15 -3.69 -25.84
N HIS A 121 -3.22 -3.59 -24.91
CA HIS A 121 -2.47 -4.75 -24.49
C HIS A 121 -3.34 -5.66 -23.65
N PRO A 122 -2.98 -6.95 -23.58
CA PRO A 122 -3.90 -7.92 -22.98
C PRO A 122 -4.21 -7.68 -21.53
N ASP A 123 -3.27 -7.13 -20.79
CA ASP A 123 -3.45 -6.86 -19.37
C ASP A 123 -4.21 -5.58 -19.13
N HIS A 124 -4.76 -4.98 -20.18
CA HIS A 124 -5.67 -3.84 -20.00
C HIS A 124 -7.06 -4.07 -20.58
N VAL A 125 -7.19 -4.92 -21.60
CA VAL A 125 -8.49 -5.20 -22.18
C VAL A 125 -9.04 -6.57 -21.86
N GLY A 126 -8.23 -7.52 -21.33
CA GLY A 126 -8.72 -8.89 -21.14
C GLY A 126 -9.94 -8.94 -20.23
N GLY A 127 -9.97 -8.04 -19.24
CA GLY A 127 -11.11 -8.00 -18.32
C GLY A 127 -12.43 -7.62 -18.97
N LEU A 128 -12.40 -7.11 -20.20
CA LEU A 128 -13.68 -6.77 -20.84
C LEU A 128 -14.54 -7.98 -21.16
N MET A 129 -13.96 -9.16 -21.36
CA MET A 129 -14.71 -10.27 -21.92
C MET A 129 -14.66 -11.48 -20.99
N ALA A 130 -15.81 -12.17 -20.89
CA ALA A 130 -15.82 -13.47 -20.24
C ALA A 130 -16.81 -14.33 -20.99
N ASN A 131 -16.35 -15.50 -21.44
CA ASN A 131 -17.26 -16.48 -22.07
C ASN A 131 -17.81 -15.95 -23.39
N GLU A 132 -16.99 -15.23 -24.14
CA GLU A 132 -17.36 -14.59 -25.40
C GLU A 132 -18.43 -13.51 -25.25
N GLN A 133 -18.74 -13.11 -24.02
CA GLN A 133 -19.72 -12.07 -23.75
C GLN A 133 -19.08 -10.85 -23.12
N ALA A 134 -19.76 -9.73 -23.23
CA ALA A 134 -19.32 -8.53 -22.51
C ALA A 134 -19.42 -8.76 -21.01
N ALA A 135 -18.28 -8.65 -20.31
CA ALA A 135 -18.32 -8.72 -18.86
C ALA A 135 -19.00 -7.52 -18.25
N PHE A 136 -19.09 -6.41 -18.97
CA PHE A 136 -19.72 -5.18 -18.46
C PHE A 136 -20.89 -4.91 -19.39
N PRO A 137 -22.09 -5.42 -19.07
CA PRO A 137 -23.14 -5.53 -20.09
C PRO A 137 -23.79 -4.21 -20.46
N ASN A 138 -23.59 -3.14 -19.67
CA ASN A 138 -24.16 -1.85 -20.01
C ASN A 138 -23.11 -0.84 -20.45
N ALA A 139 -21.82 -1.18 -20.38
CA ALA A 139 -20.79 -0.17 -20.57
C ALA A 139 -20.54 0.14 -22.06
N VAL A 140 -20.28 1.41 -22.32
CA VAL A 140 -19.67 1.82 -23.58
C VAL A 140 -18.15 1.86 -23.37
N VAL A 141 -17.39 1.21 -24.30
CA VAL A 141 -15.94 1.15 -24.16
C VAL A 141 -15.37 2.18 -25.11
N ARG A 142 -14.35 2.93 -24.69
CA ARG A 142 -13.72 3.93 -25.54
C ARG A 142 -12.22 3.76 -25.49
N ALA A 143 -11.57 4.02 -26.63
CA ALA A 143 -10.12 3.98 -26.75
C ALA A 143 -9.76 4.77 -27.99
N ASP A 144 -8.48 5.10 -28.12
CA ASP A 144 -8.11 5.90 -29.28
C ASP A 144 -8.28 5.09 -30.56
N GLN A 145 -8.81 5.77 -31.58
CA GLN A 145 -8.97 5.21 -32.91
C GLN A 145 -7.69 4.59 -33.45
N LYS A 146 -6.54 5.17 -33.16
CA LYS A 146 -5.31 4.60 -33.65
C LYS A 146 -4.93 3.25 -33.02
N ASP A 147 -5.35 3.06 -31.77
CA ASP A 147 -5.09 1.81 -31.06
C ASP A 147 -6.06 0.76 -31.61
N ALA A 148 -7.31 1.18 -31.82
CA ALA A 148 -8.31 0.27 -32.36
C ALA A 148 -7.93 -0.20 -33.76
N ASP A 149 -7.53 0.72 -34.59
CA ASP A 149 -7.23 0.37 -35.92
C ASP A 149 -5.93 -0.44 -36.06
N PHE A 150 -5.01 -0.31 -35.10
CA PHE A 150 -3.83 -1.16 -35.12
C PHE A 150 -4.11 -2.55 -34.58
N TRP A 151 -4.59 -2.66 -33.35
CA TRP A 151 -4.70 -3.97 -32.73
C TRP A 151 -5.89 -4.79 -33.23
N LEU A 152 -6.94 -4.15 -33.75
CA LEU A 152 -8.14 -4.85 -34.17
C LEU A 152 -8.18 -5.00 -35.69
N SER A 153 -7.00 -5.00 -36.35
CA SER A 153 -6.94 -5.22 -37.80
C SER A 153 -6.30 -6.58 -38.10
N GLN A 154 -7.03 -7.40 -38.87
CA GLN A 154 -6.55 -8.73 -39.25
C GLN A 154 -5.18 -8.68 -39.93
N ALA A 155 -4.95 -7.67 -40.78
CA ALA A 155 -3.67 -7.60 -41.48
C ALA A 155 -2.51 -7.49 -40.49
N ASN A 156 -2.68 -6.71 -39.42
CA ASN A 156 -1.56 -6.55 -38.50
C ASN A 156 -1.32 -7.83 -37.71
N LEU A 157 -2.40 -8.55 -37.33
CA LEU A 157 -2.21 -9.87 -36.74
C LEU A 157 -1.41 -10.76 -37.70
N ASP A 158 -1.81 -10.75 -38.97
CA ASP A 158 -1.20 -11.59 -40.02
CA ASP A 158 -1.14 -11.74 -39.81
C ASP A 158 0.30 -11.35 -40.10
N LYS A 159 0.67 -10.06 -40.07
CA LYS A 159 2.07 -9.65 -40.21
C LYS A 159 2.89 -9.82 -38.93
N ALA A 160 2.25 -9.92 -37.79
CA ALA A 160 3.01 -9.90 -36.55
C ALA A 160 3.80 -11.20 -36.38
N PRO A 161 4.98 -11.14 -35.79
CA PRO A 161 5.70 -12.38 -35.51
C PRO A 161 4.91 -13.22 -34.52
N ASP A 162 5.17 -14.54 -34.59
CA ASP A 162 4.39 -15.55 -33.88
C ASP A 162 4.18 -15.20 -32.41
N ASP A 163 5.21 -14.65 -31.77
CA ASP A 163 5.13 -14.39 -30.33
C ASP A 163 4.42 -13.08 -30.02
N GLU A 164 3.95 -12.36 -31.04
CA GLU A 164 3.20 -11.13 -30.84
C GLU A 164 1.79 -11.23 -31.36
N LYS A 165 1.46 -12.32 -32.05
CA LYS A 165 0.12 -12.50 -32.62
C LYS A 165 -0.94 -12.57 -31.52
N GLY A 166 -0.60 -13.19 -30.40
CA GLY A 166 -1.56 -13.27 -29.29
C GLY A 166 -2.08 -11.92 -28.79
N PHE A 167 -1.27 -10.87 -28.85
CA PHE A 167 -1.72 -9.54 -28.45
C PHE A 167 -2.90 -9.10 -29.30
N PHE A 168 -2.81 -9.31 -30.63
CA PHE A 168 -3.91 -8.94 -31.51
C PHE A 168 -5.10 -9.85 -31.32
N GLN A 169 -4.86 -11.17 -31.23
CA GLN A 169 -5.94 -12.11 -30.99
C GLN A 169 -6.69 -11.73 -29.72
N GLY A 170 -5.96 -11.42 -28.66
CA GLY A 170 -6.60 -11.14 -27.37
C GLY A 170 -7.37 -9.84 -27.42
N ALA A 171 -6.84 -8.84 -28.12
CA ALA A 171 -7.55 -7.56 -28.24
C ALA A 171 -8.84 -7.74 -29.01
N MET A 172 -8.78 -8.45 -30.15
CA MET A 172 -9.97 -8.68 -30.94
CA MET A 172 -9.98 -8.66 -30.92
C MET A 172 -11.02 -9.45 -30.15
N ALA A 173 -10.60 -10.51 -29.41
CA ALA A 173 -11.56 -11.29 -28.67
C ALA A 173 -12.14 -10.49 -27.52
N SER A 174 -11.34 -9.59 -26.94
CA SER A 174 -11.79 -8.83 -25.78
C SER A 174 -12.77 -7.75 -26.21
N LEU A 175 -12.50 -7.11 -27.34
CA LEU A 175 -13.40 -6.03 -27.79
C LEU A 175 -14.63 -6.50 -28.58
N ASN A 176 -14.61 -7.71 -29.12
CA ASN A 176 -15.63 -8.13 -30.07
C ASN A 176 -17.05 -7.99 -29.54
N PRO A 177 -17.39 -8.40 -28.30
CA PRO A 177 -18.79 -8.23 -27.85
C PRO A 177 -19.23 -6.81 -27.96
N TYR A 178 -18.36 -5.86 -27.61
CA TYR A 178 -18.75 -4.48 -27.61
C TYR A 178 -18.90 -3.96 -29.02
N VAL A 179 -17.95 -4.31 -29.89
CA VAL A 179 -18.01 -3.86 -31.27
C VAL A 179 -19.30 -4.36 -31.92
N LYS A 180 -19.61 -5.61 -31.72
CA LYS A 180 -20.81 -6.16 -32.30
C LYS A 180 -22.09 -5.54 -31.79
N ALA A 181 -22.08 -5.14 -30.55
CA ALA A 181 -23.26 -4.52 -29.99
C ALA A 181 -23.30 -2.98 -30.21
N GLY A 182 -22.35 -2.42 -30.97
CA GLY A 182 -22.36 -0.98 -31.17
C GLY A 182 -21.94 -0.20 -29.94
N LYS A 183 -21.26 -0.85 -29.01
CA LYS A 183 -20.88 -0.19 -27.77
CA LYS A 183 -20.88 -0.19 -27.77
C LYS A 183 -19.37 0.05 -27.66
N PHE A 184 -18.65 0.07 -28.79
CA PHE A 184 -17.27 0.56 -28.79
C PHE A 184 -17.25 1.91 -29.51
N LYS A 185 -16.86 2.97 -28.80
CA LYS A 185 -16.95 4.34 -29.28
C LYS A 185 -15.55 4.96 -29.27
N PRO A 186 -14.84 5.00 -30.39
CA PRO A 186 -13.46 5.51 -30.38
C PRO A 186 -13.48 7.01 -30.21
N PHE A 187 -12.31 7.51 -29.87
CA PHE A 187 -12.03 8.95 -29.95
C PHE A 187 -10.69 9.11 -30.65
N SER A 188 -10.39 10.35 -31.03
CA SER A 188 -9.15 10.66 -31.74
CA SER A 188 -9.17 10.66 -31.75
C SER A 188 -8.39 11.69 -30.94
N GLY A 189 -7.32 11.26 -30.27
CA GLY A 189 -6.48 12.16 -29.51
C GLY A 189 -7.25 12.86 -28.38
N ASN A 190 -6.82 14.09 -28.07
CA ASN A 190 -7.34 14.79 -26.87
C ASN A 190 -8.83 14.99 -26.98
N THR A 191 -9.59 14.48 -26.00
CA THR A 191 -11.05 14.42 -26.10
C THR A 191 -11.69 14.57 -24.72
N ASP A 192 -12.77 15.34 -24.63
CA ASP A 192 -13.52 15.42 -23.39
C ASP A 192 -14.37 14.14 -23.44
N LEU A 193 -14.45 13.39 -22.35
CA LEU A 193 -15.18 12.14 -22.37
C LEU A 193 -16.49 12.24 -21.60
N VAL A 194 -16.39 12.57 -20.32
CA VAL A 194 -17.55 12.91 -19.49
C VAL A 194 -17.08 14.04 -18.59
N PRO A 195 -18.01 14.81 -18.04
CA PRO A 195 -17.59 15.89 -17.13
C PRO A 195 -16.63 15.34 -16.07
N GLY A 196 -15.47 15.96 -15.98
CA GLY A 196 -14.46 15.52 -15.03
C GLY A 196 -13.40 14.55 -15.55
N ILE A 197 -13.57 13.97 -16.75
CA ILE A 197 -12.57 13.01 -17.29
C ILE A 197 -12.31 13.32 -18.76
N LYS A 198 -11.01 13.45 -19.10
CA LYS A 198 -10.59 13.71 -20.47
C LYS A 198 -9.52 12.70 -20.87
N ALA A 199 -9.56 12.39 -22.17
CA ALA A 199 -8.49 11.65 -22.81
C ALA A 199 -7.40 12.61 -23.24
N LEU A 200 -6.17 12.25 -22.91
CA LEU A 200 -5.00 13.02 -23.25
C LEU A 200 -4.04 12.07 -24.03
N ALA A 201 -3.81 12.37 -25.31
CA ALA A 201 -2.93 11.50 -26.07
C ALA A 201 -1.54 11.39 -25.48
N SER A 202 -1.03 10.16 -25.40
CA SER A 202 0.29 9.87 -24.87
C SER A 202 0.79 8.68 -25.66
N HIS A 203 0.82 8.85 -26.97
CA HIS A 203 1.19 7.84 -27.91
C HIS A 203 2.65 7.43 -27.90
N GLY A 204 2.90 6.13 -28.03
CA GLY A 204 4.27 5.64 -28.09
C GLY A 204 4.31 4.20 -27.64
N HIS A 205 3.94 3.97 -26.40
CA HIS A 205 3.90 2.60 -25.89
C HIS A 205 3.08 1.69 -26.84
N THR A 206 1.99 2.28 -27.32
CA THR A 206 1.24 1.75 -28.46
C THR A 206 0.85 2.95 -29.32
N PRO A 207 0.37 2.72 -30.55
CA PRO A 207 0.03 3.84 -31.43
C PRO A 207 -1.04 4.76 -30.89
N GLY A 208 -1.97 4.23 -30.09
CA GLY A 208 -3.04 5.03 -29.50
C GLY A 208 -3.01 5.08 -27.99
N HIS A 209 -1.81 4.94 -27.38
CA HIS A 209 -1.77 4.94 -25.92
C HIS A 209 -2.28 6.29 -25.40
N THR A 210 -3.19 6.24 -24.40
CA THR A 210 -3.92 7.40 -23.95
C THR A 210 -3.85 7.44 -22.41
N THR A 211 -3.64 8.68 -21.93
CA THR A 211 -3.68 9.05 -20.52
C THR A 211 -5.06 9.60 -20.23
N TYR A 212 -5.57 9.32 -19.03
CA TYR A 212 -6.90 9.84 -18.68
C TYR A 212 -6.75 10.79 -17.51
N VAL A 213 -7.27 12.00 -17.69
CA VAL A 213 -7.09 13.08 -16.71
C VAL A 213 -8.41 13.25 -15.96
N VAL A 214 -8.40 13.00 -14.65
CA VAL A 214 -9.60 13.03 -13.82
C VAL A 214 -9.53 14.24 -12.92
N GLU A 215 -10.55 15.10 -12.92
CA GLU A 215 -10.45 16.31 -12.10
CA GLU A 215 -10.45 16.34 -12.14
C GLU A 215 -11.78 16.63 -11.47
N SER A 216 -11.74 16.93 -10.17
CA SER A 216 -12.92 17.38 -9.46
C SER A 216 -12.53 18.40 -8.41
N LYS A 217 -13.20 19.57 -8.40
CA LYS A 217 -13.00 20.57 -7.33
C LYS A 217 -11.49 20.86 -7.13
N GLY A 218 -10.80 21.03 -8.25
CA GLY A 218 -9.38 21.36 -8.25
C GLY A 218 -8.43 20.25 -7.90
N GLN A 219 -8.93 19.04 -7.67
CA GLN A 219 -8.13 17.88 -7.32
C GLN A 219 -7.99 17.03 -8.59
N LYS A 220 -6.77 16.86 -9.04
CA LYS A 220 -6.49 16.18 -10.31
C LYS A 220 -5.72 14.87 -10.10
N LEU A 221 -6.12 13.82 -10.84
CA LEU A 221 -5.46 12.52 -10.85
C LEU A 221 -5.29 12.17 -12.32
N VAL A 222 -4.05 11.90 -12.73
CA VAL A 222 -3.71 11.63 -14.11
C VAL A 222 -3.35 10.16 -14.19
N LEU A 223 -4.14 9.41 -14.94
CA LEU A 223 -3.98 7.95 -15.03
C LEU A 223 -3.14 7.67 -16.26
N LEU A 224 -1.89 7.21 -16.03
CA LEU A 224 -0.83 7.24 -17.05
C LEU A 224 -0.73 5.95 -17.85
N GLY A 225 -1.55 4.95 -17.53
CA GLY A 225 -1.48 3.70 -18.32
C GLY A 225 -0.11 3.06 -18.14
N ASP A 226 0.52 2.77 -19.24
CA ASP A 226 1.84 2.19 -19.25
C ASP A 226 3.03 3.13 -19.65
N LEU A 227 2.93 4.36 -19.23
CA LEU A 227 4.10 5.24 -19.37
C LEU A 227 5.27 4.79 -18.51
N ILE A 228 5.08 3.84 -17.58
CA ILE A 228 6.20 3.32 -16.78
C ILE A 228 5.94 1.84 -16.53
N HIS A 229 7.02 1.03 -16.50
CA HIS A 229 6.91 -0.37 -16.13
C HIS A 229 7.74 -0.75 -14.92
N VAL A 230 8.86 -0.08 -14.69
CA VAL A 230 9.83 -0.52 -13.68
C VAL A 230 10.21 0.73 -12.90
N ALA A 231 9.44 1.03 -11.82
CA ALA A 231 9.72 2.21 -11.01
C ALA A 231 11.19 2.30 -10.60
N ALA A 232 11.80 1.17 -10.24
CA ALA A 232 13.15 1.18 -9.66
C ALA A 232 14.23 1.55 -10.68
N VAL A 233 13.89 1.59 -11.96
CA VAL A 233 14.78 2.02 -13.06
C VAL A 233 14.32 3.34 -13.64
N GLN A 234 13.03 3.45 -13.94
CA GLN A 234 12.57 4.48 -14.84
C GLN A 234 12.24 5.81 -14.17
N PHE A 235 12.16 5.89 -12.83
CA PHE A 235 12.05 7.20 -12.21
C PHE A 235 13.42 7.89 -12.15
N ASP A 236 14.47 7.13 -11.81
CA ASP A 236 15.81 7.72 -11.80
C ASP A 236 16.26 8.06 -13.22
N ASP A 237 15.89 7.20 -14.17
CA ASP A 237 16.32 7.37 -15.57
C ASP A 237 15.15 7.12 -16.50
N PRO A 238 14.35 8.17 -16.76
CA PRO A 238 13.17 8.02 -17.62
C PRO A 238 13.52 7.69 -19.04
N SER A 239 14.79 7.75 -19.44
CA SER A 239 15.09 7.43 -20.83
C SER A 239 15.08 5.92 -21.11
N VAL A 240 15.12 5.07 -20.10
CA VAL A 240 15.20 3.63 -20.34
C VAL A 240 13.83 3.15 -20.79
N THR A 241 13.77 2.50 -21.94
CA THR A 241 12.53 2.00 -22.52
C THR A 241 12.44 0.48 -22.35
N ILE A 242 11.36 -0.10 -22.87
CA ILE A 242 11.10 -1.53 -22.68
C ILE A 242 10.65 -2.14 -24.00
N GLN A 243 10.88 -3.45 -24.15
N GLN A 243 10.88 -3.44 -24.13
CA GLN A 243 10.53 -4.12 -25.41
CA GLN A 243 10.55 -4.10 -25.39
C GLN A 243 9.02 -4.22 -25.64
C GLN A 243 9.05 -4.02 -25.68
N PHE A 244 8.20 -3.91 -24.63
CA PHE A 244 6.77 -3.83 -24.86
C PHE A 244 6.34 -2.57 -25.62
N ASP A 245 7.18 -1.54 -25.69
CA ASP A 245 6.82 -0.32 -26.39
C ASP A 245 6.75 -0.56 -27.89
N SER A 246 5.65 -0.13 -28.53
CA SER A 246 5.63 -0.11 -30.02
C SER A 246 6.67 0.83 -30.62
N ASP A 247 6.79 2.04 -30.08
CA ASP A 247 7.75 3.07 -30.51
C ASP A 247 8.49 3.53 -29.25
N SER A 248 9.72 3.05 -29.06
CA SER A 248 10.39 3.34 -27.80
C SER A 248 10.83 4.79 -27.71
N LYS A 249 11.17 5.44 -28.83
CA LYS A 249 11.50 6.86 -28.76
C LYS A 249 10.32 7.68 -28.29
N ALA A 250 9.16 7.45 -28.88
CA ALA A 250 7.97 8.20 -28.48
C ALA A 250 7.58 7.86 -27.06
N ALA A 251 7.71 6.59 -26.67
CA ALA A 251 7.37 6.21 -25.31
C ALA A 251 8.23 6.96 -24.30
N ALA A 252 9.54 7.05 -24.55
CA ALA A 252 10.39 7.77 -23.63
C ALA A 252 10.03 9.24 -23.59
N ALA A 253 9.74 9.84 -24.74
CA ALA A 253 9.34 11.23 -24.79
C ALA A 253 8.06 11.48 -24.02
N GLU A 254 7.08 10.59 -24.16
CA GLU A 254 5.80 10.80 -23.45
C GLU A 254 5.96 10.62 -21.95
N ARG A 255 6.79 9.66 -21.54
CA ARG A 255 7.03 9.47 -20.10
C ARG A 255 7.72 10.72 -19.52
N LYS A 256 8.77 11.20 -20.19
CA LYS A 256 9.45 12.41 -19.72
C LYS A 256 8.50 13.59 -19.60
N LYS A 257 7.63 13.78 -20.61
CA LYS A 257 6.67 14.88 -20.59
C LYS A 257 5.72 14.75 -19.39
N ALA A 258 5.21 13.54 -19.18
CA ALA A 258 4.26 13.30 -18.08
C ALA A 258 4.91 13.51 -16.72
N PHE A 259 6.14 13.02 -16.54
CA PHE A 259 6.82 13.21 -15.25
C PHE A 259 7.11 14.69 -15.02
N ALA A 260 7.61 15.38 -16.05
CA ALA A 260 7.86 16.80 -15.88
C ALA A 260 6.58 17.56 -15.58
N ASP A 261 5.48 17.23 -16.26
CA ASP A 261 4.25 17.98 -15.98
CA ASP A 261 4.23 17.96 -16.01
C ASP A 261 3.71 17.67 -14.60
N ALA A 262 3.81 16.42 -14.14
CA ALA A 262 3.32 16.09 -12.78
C ALA A 262 4.17 16.72 -11.71
N ALA A 263 5.49 16.77 -11.94
CA ALA A 263 6.35 17.46 -10.97
C ALA A 263 6.00 18.94 -10.90
N LYS A 264 5.78 19.56 -12.05
CA LYS A 264 5.47 20.97 -12.06
C LYS A 264 4.10 21.24 -11.44
N GLY A 265 3.11 20.41 -11.79
CA GLY A 265 1.74 20.62 -11.35
C GLY A 265 1.43 20.17 -9.94
N GLY A 266 2.24 19.28 -9.40
CA GLY A 266 1.99 18.82 -8.03
C GLY A 266 0.75 17.98 -7.84
N TYR A 267 0.23 17.38 -8.90
CA TYR A 267 -1.00 16.57 -8.83
C TYR A 267 -0.69 15.07 -8.76
N LEU A 268 -1.74 14.27 -8.51
CA LEU A 268 -1.57 12.81 -8.37
C LEU A 268 -1.48 12.15 -9.71
N ILE A 269 -0.72 11.07 -9.78
CA ILE A 269 -0.72 10.16 -10.92
C ILE A 269 -1.13 8.77 -10.41
N GLY A 270 -1.70 7.99 -11.34
CA GLY A 270 -1.93 6.58 -11.12
C GLY A 270 -1.41 5.84 -12.33
N ALA A 271 -0.71 4.75 -12.10
CA ALA A 271 -0.11 4.05 -13.21
C ALA A 271 -0.30 2.53 -13.07
N ALA A 272 -0.61 1.86 -14.22
CA ALA A 272 -1.01 0.44 -14.26
C ALA A 272 0.05 -0.51 -13.69
N HIS A 273 1.36 -0.14 -13.75
CA HIS A 273 2.40 -1.08 -13.33
C HIS A 273 3.29 -0.51 -12.23
N LEU A 274 2.81 0.49 -11.50
CA LEU A 274 3.44 0.88 -10.23
C LEU A 274 2.81 0.01 -9.12
N SER A 275 3.63 -0.35 -8.14
CA SER A 275 3.17 -1.23 -7.06
C SER A 275 1.81 -0.79 -6.52
N PHE A 276 0.87 -1.72 -6.49
CA PHE A 276 -0.51 -1.41 -6.13
C PHE A 276 -0.56 -0.63 -4.81
N PRO A 277 -1.33 0.47 -4.73
CA PRO A 277 -2.35 0.92 -5.68
C PRO A 277 -1.79 1.84 -6.78
N GLY A 278 -0.49 2.09 -6.79
CA GLY A 278 0.06 2.80 -7.92
C GLY A 278 -0.29 4.27 -8.01
N ILE A 279 -0.59 4.91 -6.87
CA ILE A 279 -1.09 6.29 -6.85
C ILE A 279 -0.11 7.12 -6.02
N GLY A 280 0.28 8.30 -6.52
CA GLY A 280 1.21 9.11 -5.74
C GLY A 280 1.50 10.39 -6.49
N HIS A 281 2.35 11.20 -5.88
CA HIS A 281 2.89 12.40 -6.48
C HIS A 281 4.28 12.11 -7.03
N ILE A 282 4.75 13.07 -7.85
CA ILE A 282 6.07 13.02 -8.45
C ILE A 282 6.79 14.32 -8.16
N ARG A 283 8.04 14.24 -7.70
CA ARG A 283 8.82 15.47 -7.62
C ARG A 283 10.13 15.25 -8.36
N ALA A 284 10.65 16.36 -8.91
CA ALA A 284 11.96 16.32 -9.54
C ALA A 284 13.04 15.89 -8.55
N ASP A 285 14.02 15.16 -9.05
CA ASP A 285 15.11 14.68 -8.19
C ASP A 285 16.36 14.62 -9.06
N GLY A 286 17.07 15.73 -9.12
CA GLY A 286 18.26 15.76 -9.96
C GLY A 286 17.89 15.54 -11.40
N LYS A 287 18.56 14.58 -12.03
CA LYS A 287 18.28 14.31 -13.43
C LYS A 287 17.04 13.48 -13.62
N GLY A 288 16.46 12.96 -12.53
CA GLY A 288 15.31 12.07 -12.59
C GLY A 288 14.17 12.57 -11.71
N TYR A 289 13.43 11.60 -11.16
CA TYR A 289 12.18 11.86 -10.43
C TYR A 289 12.09 10.94 -9.23
N ARG A 290 11.32 11.38 -8.27
CA ARG A 290 11.05 10.62 -7.07
C ARG A 290 9.54 10.42 -6.96
N PHE A 291 9.08 9.19 -6.76
CA PHE A 291 7.65 8.92 -6.55
C PHE A 291 7.34 9.01 -5.05
N VAL A 292 6.24 9.66 -4.74
CA VAL A 292 5.78 9.82 -3.36
C VAL A 292 4.39 9.19 -3.25
N PRO A 293 4.30 7.92 -2.79
CA PRO A 293 3.02 7.23 -2.71
C PRO A 293 2.06 8.00 -1.83
N VAL A 294 0.75 7.87 -2.13
CA VAL A 294 -0.25 8.50 -1.27
C VAL A 294 -0.21 7.92 0.15
N ASN A 295 -0.51 8.79 1.08
CA ASN A 295 -0.67 8.43 2.49
C ASN A 295 -1.89 7.54 2.65
N TYR A 296 -1.76 6.49 3.46
CA TYR A 296 -2.92 5.64 3.74
C TYR A 296 -4.02 6.43 4.44
N SER A 297 -5.23 6.40 3.87
CA SER A 297 -6.35 7.16 4.39
C SER A 297 -7.59 6.29 4.48
N VAL A 298 -8.36 6.49 5.55
CA VAL A 298 -9.59 5.76 5.82
C VAL A 298 -10.67 6.78 6.13
N ALA A 299 -11.78 6.72 5.39
CA ALA A 299 -12.90 7.67 5.53
C ALA A 299 -13.39 7.86 6.96
N GLY B 1 -26.07 3.16 -15.02
CA GLY B 1 -26.26 3.84 -13.73
C GLY B 1 -27.59 3.46 -13.06
N THR B 2 -27.95 4.09 -11.93
CA THR B 2 -29.27 3.83 -11.31
CA THR B 2 -29.24 3.77 -11.34
C THR B 2 -30.40 4.32 -12.19
N ILE B 3 -30.16 5.41 -12.93
CA ILE B 3 -31.16 6.01 -13.81
C ILE B 3 -30.46 6.16 -15.16
N GLY B 4 -30.76 5.25 -16.07
CA GLY B 4 -30.08 5.25 -17.36
C GLY B 4 -28.56 5.35 -17.14
N SER B 5 -27.89 6.25 -17.88
CA SER B 5 -26.49 6.62 -17.60
C SER B 5 -26.37 8.05 -17.09
N MET B 6 -27.41 8.52 -16.37
CA MET B 6 -27.48 9.91 -15.92
C MET B 6 -27.19 10.04 -14.44
N ALA B 7 -27.22 8.95 -13.67
CA ALA B 7 -26.99 8.96 -12.23
C ALA B 7 -26.35 7.65 -11.84
N ALA B 8 -25.16 7.72 -11.27
CA ALA B 8 -24.44 6.49 -10.93
C ALA B 8 -24.96 5.89 -9.64
N ALA B 9 -24.62 4.63 -9.45
CA ALA B 9 -24.70 4.00 -8.15
C ALA B 9 -24.12 4.90 -7.05
N PRO B 10 -24.68 4.91 -5.84
CA PRO B 10 -24.11 5.73 -4.77
C PRO B 10 -22.68 5.30 -4.47
N GLN B 11 -21.86 6.21 -4.00
CA GLN B 11 -20.47 5.95 -3.68
C GLN B 11 -20.42 5.08 -2.43
N VAL B 12 -19.48 4.12 -2.39
CA VAL B 12 -19.34 3.22 -1.25
C VAL B 12 -18.41 3.80 -0.20
N LYS B 13 -17.30 4.39 -0.66
CA LYS B 13 -16.29 5.05 0.17
C LYS B 13 -15.50 4.26 1.22
N THR B 14 -16.07 3.19 1.79
CA THR B 14 -15.33 2.49 2.80
C THR B 14 -14.05 1.87 2.24
N GLN B 15 -13.06 1.72 3.12
CA GLN B 15 -11.76 1.23 2.72
C GLN B 15 -11.71 -0.28 2.74
N ALA B 16 -10.79 -0.82 1.97
CA ALA B 16 -10.50 -2.23 1.98
C ALA B 16 -10.18 -2.67 3.41
N PRO B 17 -10.39 -3.94 3.70
CA PRO B 17 -10.04 -4.49 5.02
C PRO B 17 -8.56 -4.25 5.29
N GLY B 18 -8.28 -3.82 6.52
CA GLY B 18 -6.95 -3.36 6.87
C GLY B 18 -6.04 -4.48 7.36
N PHE B 19 -5.66 -5.36 6.45
CA PHE B 19 -4.62 -6.36 6.70
C PHE B 19 -3.81 -6.51 5.43
N TYR B 20 -2.52 -6.86 5.58
CA TYR B 20 -1.62 -7.04 4.45
C TYR B 20 -0.70 -8.23 4.73
N ARG B 21 -0.78 -9.25 3.87
CA ARG B 21 0.02 -10.45 4.07
C ARG B 21 1.37 -10.40 3.38
N MET B 22 2.41 -10.85 4.09
CA MET B 22 3.74 -10.85 3.53
C MET B 22 4.50 -12.06 4.05
N MET B 23 5.08 -12.86 3.14
CA MET B 23 5.88 -14.00 3.58
C MET B 23 7.30 -13.52 3.92
N LEU B 24 7.89 -14.18 4.91
CA LEU B 24 9.20 -13.80 5.42
C LEU B 24 9.90 -15.14 5.71
N GLY B 25 10.59 -15.69 4.71
CA GLY B 25 11.15 -17.01 4.95
C GLY B 25 10.04 -18.00 5.20
N ASP B 26 10.19 -18.83 6.21
CA ASP B 26 9.13 -19.78 6.53
C ASP B 26 7.93 -19.13 7.22
N PHE B 27 8.04 -17.88 7.65
CA PHE B 27 7.03 -17.22 8.47
C PHE B 27 6.01 -16.45 7.61
N GLU B 28 4.80 -16.38 8.09
CA GLU B 28 3.76 -15.51 7.50
C GLU B 28 3.57 -14.27 8.39
N VAL B 29 3.80 -13.06 7.81
CA VAL B 29 3.60 -11.81 8.55
C VAL B 29 2.29 -11.23 8.04
N THR B 30 1.45 -10.78 8.93
CA THR B 30 0.27 -9.99 8.53
C THR B 30 0.30 -8.65 9.25
N ALA B 31 0.51 -7.57 8.49
CA ALA B 31 0.33 -6.25 9.06
C ALA B 31 -1.16 -6.05 9.30
N LEU B 32 -1.53 -5.57 10.49
CA LEU B 32 -2.92 -5.31 10.88
C LEU B 32 -3.11 -3.83 11.17
N SER B 33 -4.11 -3.24 10.52
CA SER B 33 -4.42 -1.85 10.79
C SER B 33 -5.35 -1.76 12.00
N ASP B 34 -5.05 -0.83 12.91
CA ASP B 34 -6.04 -0.49 13.93
C ASP B 34 -6.91 0.69 13.51
N GLY B 35 -6.68 1.20 12.32
CA GLY B 35 -7.26 2.47 11.88
C GLY B 35 -6.19 3.53 11.73
N THR B 36 -6.67 4.75 11.43
CA THR B 36 -5.80 5.91 11.43
C THR B 36 -6.36 6.93 12.41
N VAL B 37 -5.54 7.94 12.74
CA VAL B 37 -6.00 9.03 13.62
C VAL B 37 -5.26 10.31 13.21
N ASP B 38 -5.97 11.42 13.16
CA ASP B 38 -5.29 12.66 12.79
C ASP B 38 -4.47 13.13 13.98
N LEU B 39 -3.26 13.62 13.71
CA LEU B 39 -2.37 14.11 14.77
C LEU B 39 -1.98 15.54 14.49
N PRO B 40 -1.97 16.41 15.50
CA PRO B 40 -1.50 17.80 15.29
C PRO B 40 0.02 17.85 15.36
N VAL B 41 0.67 17.40 14.27
CA VAL B 41 2.09 17.13 14.37
C VAL B 41 2.89 18.41 14.47
N ASP B 42 2.29 19.54 14.15
CA ASP B 42 2.97 20.79 14.30
C ASP B 42 3.15 21.08 15.78
N LYS B 43 2.23 20.85 16.54
CA LYS B 43 2.27 20.97 17.98
C LYS B 43 3.13 19.88 18.62
N LEU B 44 3.00 18.73 18.16
CA LEU B 44 3.64 17.61 18.83
C LEU B 44 5.11 17.43 18.62
N LEU B 45 5.56 17.77 17.43
CA LEU B 45 6.98 17.63 17.15
C LEU B 45 7.75 18.76 17.82
N ASN B 46 8.95 18.43 18.29
CA ASN B 46 9.78 19.36 19.05
C ASN B 46 10.68 20.20 18.14
N GLN B 47 10.03 21.02 17.31
CA GLN B 47 10.72 22.00 16.49
C GLN B 47 9.69 23.05 16.12
N PRO B 48 10.11 24.18 15.53
CA PRO B 48 9.12 25.23 15.20
C PRO B 48 8.08 24.72 14.21
N PRO B 49 6.80 25.08 14.41
CA PRO B 49 5.78 24.71 13.42
C PRO B 49 6.16 25.08 12.00
N ALA B 50 6.86 26.20 11.81
CA ALA B 50 7.26 26.55 10.44
C ALA B 50 8.06 25.42 9.77
N LYS B 51 9.00 24.79 10.51
CA LYS B 51 9.80 23.72 9.92
C LYS B 51 8.95 22.50 9.60
N THR B 52 8.07 22.12 10.52
CA THR B 52 7.17 21.00 10.29
C THR B 52 6.27 21.28 9.10
N GLN B 53 5.79 22.50 8.96
CA GLN B 53 4.93 22.83 7.80
C GLN B 53 5.70 22.71 6.48
N SER B 54 6.92 23.23 6.44
CA SER B 54 7.76 23.10 5.25
C SER B 54 8.00 21.63 4.90
N ALA B 55 8.27 20.81 5.91
CA ALA B 55 8.53 19.40 5.71
C ALA B 55 7.30 18.70 5.15
N LEU B 56 6.13 18.97 5.72
CA LEU B 56 4.91 18.30 5.30
C LEU B 56 4.60 18.69 3.86
N ALA B 57 4.77 19.98 3.53
CA ALA B 57 4.54 20.45 2.15
C ALA B 57 5.36 19.68 1.13
N LYS B 58 6.64 19.45 1.44
CA LYS B 58 7.52 18.71 0.55
C LYS B 58 6.96 17.35 0.20
N SER B 59 6.20 16.73 1.10
CA SER B 59 5.61 15.42 0.94
C SER B 59 4.14 15.49 0.56
N PHE B 60 3.68 16.68 0.18
CA PHE B 60 2.28 16.91 -0.23
C PHE B 60 1.30 16.59 0.89
N LEU B 61 1.68 16.95 2.12
CA LEU B 61 0.85 16.72 3.30
C LEU B 61 0.62 18.03 4.03
N LYS B 62 -0.39 18.00 4.89
CA LYS B 62 -0.71 19.13 5.75
C LYS B 62 -1.08 18.64 7.15
N ALA B 63 -0.83 19.50 8.16
CA ALA B 63 -1.39 19.05 9.44
C ALA B 63 -2.82 19.54 9.61
N PRO B 64 -3.69 18.82 10.36
CA PRO B 64 -3.35 17.57 11.06
C PRO B 64 -3.16 16.39 10.12
N LEU B 65 -2.25 15.49 10.50
CA LEU B 65 -1.77 14.44 9.62
C LEU B 65 -2.40 13.12 10.01
N GLU B 66 -3.13 12.52 9.07
CA GLU B 66 -3.73 11.20 9.27
C GLU B 66 -2.65 10.15 9.46
N THR B 67 -2.58 9.60 10.66
CA THR B 67 -1.45 8.74 11.02
C THR B 67 -1.95 7.33 11.26
N SER B 68 -1.26 6.36 10.64
CA SER B 68 -1.61 4.95 10.81
C SER B 68 -1.25 4.47 12.22
N VAL B 69 -1.99 3.47 12.68
CA VAL B 69 -1.66 2.72 13.89
C VAL B 69 -1.63 1.25 13.47
N ASN B 70 -0.44 0.63 13.47
CA ASN B 70 -0.25 -0.72 12.94
C ASN B 70 0.20 -1.68 14.03
N ALA B 71 -0.12 -2.96 13.82
CA ALA B 71 0.36 -4.07 14.62
C ALA B 71 0.73 -5.17 13.65
N TYR B 72 1.45 -6.19 14.13
CA TYR B 72 2.06 -7.14 13.21
C TYR B 72 1.88 -8.54 13.75
N LEU B 73 1.15 -9.37 13.00
CA LEU B 73 0.93 -10.77 13.36
C LEU B 73 1.98 -11.62 12.68
N VAL B 74 2.60 -12.55 13.42
CA VAL B 74 3.57 -13.47 12.85
C VAL B 74 3.11 -14.91 13.13
N ASN B 75 2.88 -15.68 12.06
CA ASN B 75 2.63 -17.11 12.21
C ASN B 75 3.93 -17.82 11.85
N THR B 76 4.63 -18.35 12.87
CA THR B 76 5.91 -18.99 12.59
C THR B 76 5.76 -20.41 12.02
N GLY B 77 4.55 -20.93 11.92
CA GLY B 77 4.37 -22.33 11.61
C GLY B 77 4.10 -23.15 12.86
N SER B 78 4.68 -22.76 14.00
CA SER B 78 4.39 -23.45 15.26
C SER B 78 3.79 -22.55 16.34
N LYS B 79 3.81 -21.23 16.17
CA LYS B 79 3.17 -20.34 17.11
C LYS B 79 2.55 -19.19 16.33
N LEU B 80 1.50 -18.64 16.90
CA LEU B 80 0.93 -17.38 16.40
C LEU B 80 1.18 -16.27 17.42
N VAL B 81 1.98 -15.27 17.01
CA VAL B 81 2.43 -14.18 17.87
C VAL B 81 1.89 -12.89 17.30
N LEU B 82 1.50 -11.99 18.16
CA LEU B 82 1.03 -10.69 17.70
C LEU B 82 1.92 -9.64 18.35
N VAL B 83 2.46 -8.74 17.56
CA VAL B 83 3.26 -7.64 18.08
C VAL B 83 2.41 -6.39 18.07
N ASP B 84 2.02 -5.94 19.25
CA ASP B 84 1.07 -4.85 19.61
C ASP B 84 -0.38 -5.19 19.23
N THR B 85 -1.26 -4.21 19.77
CA THR B 85 -2.67 -4.57 19.64
C THR B 85 -3.69 -3.49 19.31
N GLY B 86 -3.12 -2.36 19.00
CA GLY B 86 -3.99 -1.25 18.76
C GLY B 86 -4.53 -0.57 20.01
N ALA B 87 -5.50 0.31 19.81
CA ALA B 87 -5.99 1.18 20.89
C ALA B 87 -7.32 0.73 21.49
N ALA B 88 -8.00 -0.24 20.88
CA ALA B 88 -9.33 -0.59 21.36
C ALA B 88 -10.02 0.77 21.31
N GLY B 89 -10.79 1.12 22.35
CA GLY B 89 -11.39 2.43 22.39
C GLY B 89 -10.65 3.47 23.23
N LEU B 90 -9.37 3.27 23.54
CA LEU B 90 -8.65 4.22 24.38
C LEU B 90 -8.27 5.53 23.69
N PHE B 91 -8.38 5.65 22.37
CA PHE B 91 -7.83 6.83 21.73
C PHE B 91 -8.74 7.29 20.59
N GLY B 92 -10.04 7.38 20.86
CA GLY B 92 -10.95 7.94 19.88
C GLY B 92 -11.69 6.93 19.03
N PRO B 93 -12.72 7.39 18.30
CA PRO B 93 -13.60 6.48 17.56
C PRO B 93 -13.03 6.02 16.21
N THR B 94 -11.87 6.51 15.79
CA THR B 94 -11.32 6.05 14.52
C THR B 94 -10.37 4.88 14.67
N LEU B 95 -10.03 4.48 15.88
CA LEU B 95 -9.13 3.35 16.06
C LEU B 95 -9.92 2.13 16.62
N GLY B 96 -9.20 1.13 17.11
CA GLY B 96 -9.84 -0.09 17.54
C GLY B 96 -10.31 -1.01 16.44
N LYS B 97 -9.82 -0.84 15.21
CA LYS B 97 -10.19 -1.77 14.14
C LYS B 97 -9.41 -3.07 14.15
N LEU B 98 -8.41 -3.25 15.04
CA LEU B 98 -7.57 -4.42 14.92
C LEU B 98 -8.36 -5.72 15.09
N ALA B 99 -9.27 -5.78 16.10
CA ALA B 99 -10.00 -7.04 16.32
C ALA B 99 -10.67 -7.53 15.04
N ALA B 100 -11.38 -6.62 14.35
CA ALA B 100 -12.03 -6.93 13.10
C ALA B 100 -11.04 -7.30 12.02
N ASN B 101 -9.91 -6.58 11.94
CA ASN B 101 -8.96 -6.87 10.88
C ASN B 101 -8.20 -8.19 11.14
N LEU B 102 -8.01 -8.60 12.40
CA LEU B 102 -7.42 -9.90 12.69
C LEU B 102 -8.32 -11.02 12.14
N LYS B 103 -9.62 -10.88 12.33
CA LYS B 103 -10.56 -11.87 11.83
C LYS B 103 -10.62 -11.86 10.31
N ALA B 104 -10.62 -10.67 9.71
CA ALA B 104 -10.60 -10.56 8.27
C ALA B 104 -9.36 -11.22 7.69
N ALA B 105 -8.24 -11.15 8.43
CA ALA B 105 -7.02 -11.81 8.04
C ALA B 105 -7.10 -13.32 8.27
N GLY B 106 -8.21 -13.86 8.75
CA GLY B 106 -8.32 -15.31 8.77
C GLY B 106 -7.96 -15.98 10.06
N TYR B 107 -7.79 -15.22 11.14
CA TYR B 107 -7.47 -15.79 12.43
C TYR B 107 -8.47 -15.33 13.47
N GLN B 108 -8.60 -16.13 14.52
CA GLN B 108 -9.42 -15.72 15.64
C GLN B 108 -8.55 -15.37 16.83
N PRO B 109 -8.99 -14.45 17.70
CA PRO B 109 -8.12 -14.05 18.84
C PRO B 109 -7.75 -15.20 19.76
N GLU B 110 -8.59 -16.25 19.83
CA GLU B 110 -8.21 -17.42 20.62
C GLU B 110 -6.97 -18.14 20.08
N GLN B 111 -6.64 -17.98 18.81
CA GLN B 111 -5.49 -18.66 18.27
C GLN B 111 -4.17 -17.99 18.63
N VAL B 112 -4.21 -16.78 19.17
CA VAL B 112 -2.98 -16.04 19.45
C VAL B 112 -2.35 -16.65 20.71
N ASP B 113 -1.12 -17.11 20.58
CA ASP B 113 -0.34 -17.78 21.62
C ASP B 113 0.38 -16.78 22.53
N GLU B 114 1.07 -15.79 21.94
CA GLU B 114 1.82 -14.82 22.73
C GLU B 114 1.62 -13.46 22.09
N ILE B 115 1.71 -12.41 22.91
CA ILE B 115 1.60 -11.06 22.42
C ILE B 115 2.83 -10.32 22.91
N TYR B 116 3.51 -9.62 22.03
CA TYR B 116 4.73 -8.88 22.38
C TYR B 116 4.42 -7.40 22.23
N ILE B 117 4.68 -6.63 23.26
CA ILE B 117 4.25 -5.23 23.33
C ILE B 117 5.48 -4.36 23.18
N THR B 118 5.50 -3.49 22.16
CA THR B 118 6.68 -2.64 22.06
C THR B 118 6.77 -1.65 23.21
N HIS B 119 5.65 -1.13 23.66
CA HIS B 119 5.60 -0.20 24.77
C HIS B 119 4.16 -0.01 25.18
N MET B 120 3.97 0.40 26.42
CA MET B 120 2.60 0.39 26.96
C MET B 120 1.85 1.69 26.77
N HIS B 121 1.97 2.32 25.60
CA HIS B 121 1.07 3.41 25.27
C HIS B 121 -0.30 2.86 24.84
N PRO B 122 -1.34 3.67 24.98
CA PRO B 122 -2.70 3.13 24.83
C PRO B 122 -2.97 2.59 23.46
N ASP B 123 -2.35 3.19 22.43
CA ASP B 123 -2.57 2.73 21.06
C ASP B 123 -1.76 1.46 20.73
N HIS B 124 -1.11 0.85 21.73
CA HIS B 124 -0.45 -0.41 21.58
C HIS B 124 -0.99 -1.49 22.49
N VAL B 125 -1.52 -1.13 23.67
CA VAL B 125 -2.05 -2.11 24.60
C VAL B 125 -3.56 -2.14 24.66
N GLY B 126 -4.25 -1.10 24.19
CA GLY B 126 -5.70 -1.04 24.38
C GLY B 126 -6.42 -2.25 23.82
N GLY B 127 -5.91 -2.76 22.69
CA GLY B 127 -6.56 -3.94 22.08
C GLY B 127 -6.43 -5.25 22.86
N LEU B 128 -5.67 -5.27 23.96
CA LEU B 128 -5.61 -6.44 24.82
C LEU B 128 -6.92 -6.75 25.54
N MET B 129 -7.81 -5.78 25.70
CA MET B 129 -8.92 -5.92 26.64
C MET B 129 -10.22 -5.48 26.00
N ALA B 130 -11.29 -6.28 26.19
CA ALA B 130 -12.68 -5.92 25.96
C ALA B 130 -13.53 -6.35 27.16
N ASN B 131 -14.45 -5.46 27.58
CA ASN B 131 -15.38 -5.69 28.68
C ASN B 131 -14.70 -6.28 29.91
N GLU B 132 -13.66 -5.58 30.38
CA GLU B 132 -12.91 -6.04 31.55
C GLU B 132 -12.43 -7.49 31.41
N GLN B 133 -12.35 -7.96 30.16
CA GLN B 133 -11.92 -9.33 29.89
C GLN B 133 -10.74 -9.34 28.91
N ALA B 134 -9.94 -10.38 28.97
CA ALA B 134 -8.87 -10.55 28.00
C ALA B 134 -9.46 -10.77 26.61
N ALA B 135 -9.05 -9.95 25.64
CA ALA B 135 -9.47 -10.19 24.26
C ALA B 135 -8.80 -11.40 23.65
N PHE B 136 -7.65 -11.82 24.17
CA PHE B 136 -6.88 -12.93 23.64
C PHE B 136 -6.79 -13.94 24.77
N PRO B 137 -7.79 -14.83 24.91
CA PRO B 137 -7.92 -15.57 26.17
C PRO B 137 -6.88 -16.65 26.36
N ASN B 138 -6.09 -17.00 25.36
CA ASN B 138 -5.05 -17.98 25.50
C ASN B 138 -3.64 -17.39 25.48
N ALA B 139 -3.49 -16.08 25.32
CA ALA B 139 -2.19 -15.51 25.04
C ALA B 139 -1.42 -15.19 26.32
N VAL B 140 -0.12 -15.45 26.27
CA VAL B 140 0.86 -14.88 27.20
C VAL B 140 1.33 -13.53 26.64
N VAL B 141 1.22 -12.45 27.42
CA VAL B 141 1.65 -11.09 27.04
C VAL B 141 3.06 -10.87 27.58
N ARG B 142 3.95 -10.36 26.75
CA ARG B 142 5.34 -10.10 27.15
C ARG B 142 5.66 -8.63 26.88
N ALA B 143 6.38 -7.99 27.78
CA ALA B 143 6.85 -6.61 27.59
C ALA B 143 8.07 -6.44 28.48
N ASP B 144 8.80 -5.33 28.30
CA ASP B 144 9.99 -5.11 29.12
C ASP B 144 9.59 -4.72 30.53
N GLN B 145 10.30 -5.32 31.52
CA GLN B 145 10.08 -5.02 32.91
C GLN B 145 10.13 -3.53 33.19
N LYS B 146 10.97 -2.76 32.47
CA LYS B 146 11.03 -1.31 32.77
C LYS B 146 9.75 -0.60 32.33
N ASP B 147 9.06 -1.12 31.32
CA ASP B 147 7.77 -0.49 31.06
C ASP B 147 6.73 -0.90 32.07
N ALA B 148 6.73 -2.17 32.48
CA ALA B 148 5.77 -2.60 33.49
C ALA B 148 5.98 -1.84 34.78
N ASP B 149 7.25 -1.64 35.16
CA ASP B 149 7.55 -0.90 36.39
C ASP B 149 7.09 0.55 36.32
N PHE B 150 7.11 1.16 35.14
CA PHE B 150 6.69 2.55 35.06
C PHE B 150 5.17 2.70 34.92
N TRP B 151 4.57 2.08 33.89
CA TRP B 151 3.19 2.36 33.54
C TRP B 151 2.17 1.66 34.43
N LEU B 152 2.57 0.56 35.11
CA LEU B 152 1.66 -0.21 35.96
C LEU B 152 1.76 0.21 37.42
N SER B 153 2.48 1.30 37.70
CA SER B 153 2.77 1.74 39.07
C SER B 153 1.69 2.73 39.52
N GLN B 154 0.96 2.39 40.58
CA GLN B 154 0.03 3.35 41.14
C GLN B 154 0.74 4.62 41.60
N ALA B 155 1.96 4.50 42.14
CA ALA B 155 2.67 5.70 42.60
C ALA B 155 2.83 6.68 41.44
N ASN B 156 3.27 6.17 40.28
CA ASN B 156 3.52 7.02 39.14
C ASN B 156 2.22 7.61 38.61
N LEU B 157 1.12 6.85 38.69
CA LEU B 157 -0.19 7.35 38.28
C LEU B 157 -0.63 8.51 39.16
N ASP B 158 -0.37 8.42 40.46
CA ASP B 158 -0.79 9.48 41.37
C ASP B 158 0.07 10.75 41.20
N LYS B 159 1.34 10.63 40.93
CA LYS B 159 2.12 11.85 40.79
C LYS B 159 2.05 12.40 39.41
N ALA B 160 1.43 11.66 38.51
CA ALA B 160 1.30 12.13 37.15
C ALA B 160 0.33 13.31 37.08
N PRO B 161 0.61 14.31 36.23
CA PRO B 161 -0.38 15.37 35.99
C PRO B 161 -1.61 14.77 35.34
N ASP B 162 -2.73 15.45 35.51
CA ASP B 162 -4.01 14.88 35.11
C ASP B 162 -4.05 14.53 33.62
N ASP B 163 -3.38 15.33 32.78
CA ASP B 163 -3.33 15.10 31.35
C ASP B 163 -2.57 13.82 30.96
N GLU B 164 -1.84 13.22 31.90
CA GLU B 164 -1.11 11.99 31.62
C GLU B 164 -1.61 10.78 32.40
N LYS B 165 -2.52 10.99 33.37
CA LYS B 165 -3.03 9.88 34.17
C LYS B 165 -3.66 8.81 33.29
N GLY B 166 -4.41 9.22 32.27
CA GLY B 166 -5.08 8.27 31.40
C GLY B 166 -4.16 7.21 30.83
N PHE B 167 -2.92 7.58 30.52
N PHE B 167 -2.92 7.56 30.53
CA PHE B 167 -1.96 6.61 29.96
CA PHE B 167 -1.98 6.59 29.99
C PHE B 167 -1.67 5.47 30.95
C PHE B 167 -1.64 5.46 30.96
N PHE B 168 -1.49 5.80 32.24
CA PHE B 168 -1.26 4.74 33.22
C PHE B 168 -2.53 3.92 33.42
N GLN B 169 -3.66 4.63 33.48
CA GLN B 169 -4.95 3.99 33.67
C GLN B 169 -5.22 3.02 32.54
N GLY B 170 -4.92 3.44 31.31
CA GLY B 170 -5.09 2.55 30.17
C GLY B 170 -4.19 1.33 30.21
N ALA B 171 -2.92 1.52 30.61
CA ALA B 171 -2.02 0.39 30.68
C ALA B 171 -2.51 -0.60 31.72
N MET B 172 -2.89 -0.08 32.90
CA MET B 172 -3.36 -0.95 33.96
C MET B 172 -4.59 -1.72 33.54
N ALA B 173 -5.59 -1.02 33.00
CA ALA B 173 -6.83 -1.65 32.53
C ALA B 173 -6.55 -2.70 31.46
N SER B 174 -5.61 -2.39 30.57
CA SER B 174 -5.30 -3.32 29.51
C SER B 174 -4.50 -4.53 29.89
N LEU B 175 -3.52 -4.37 30.76
CA LEU B 175 -2.73 -5.50 31.14
C LEU B 175 -3.24 -6.35 32.32
N ASN B 176 -4.07 -5.76 33.12
CA ASN B 176 -4.57 -6.44 34.30
C ASN B 176 -5.23 -7.78 34.10
N PRO B 177 -6.09 -7.91 33.12
CA PRO B 177 -6.64 -9.24 32.90
C PRO B 177 -5.55 -10.30 32.81
N TYR B 178 -4.43 -9.95 32.18
CA TYR B 178 -3.38 -10.93 31.99
C TYR B 178 -2.54 -11.11 33.25
N VAL B 179 -2.23 -10.01 33.92
CA VAL B 179 -1.50 -10.06 35.19
C VAL B 179 -2.21 -11.00 36.15
N LYS B 180 -3.51 -10.81 36.32
CA LYS B 180 -4.26 -11.55 37.35
C LYS B 180 -4.38 -13.02 36.99
N ALA B 181 -4.37 -13.31 35.71
CA ALA B 181 -4.44 -14.66 35.21
C ALA B 181 -3.08 -15.33 35.11
N GLY B 182 -2.02 -14.66 35.54
CA GLY B 182 -0.70 -15.25 35.47
C GLY B 182 -0.14 -15.39 34.09
N LYS B 183 -0.60 -14.53 33.17
CA LYS B 183 -0.21 -14.60 31.77
C LYS B 183 0.45 -13.30 31.30
N PHE B 184 1.08 -12.57 32.24
CA PHE B 184 2.02 -11.51 31.91
C PHE B 184 3.43 -11.99 32.26
N LYS B 185 4.27 -12.12 31.26
CA LYS B 185 5.62 -12.65 31.40
C LYS B 185 6.62 -11.57 30.97
N PRO B 186 7.13 -10.74 31.87
CA PRO B 186 8.07 -9.69 31.46
C PRO B 186 9.39 -10.28 31.06
N PHE B 187 10.20 -9.46 30.37
CA PHE B 187 11.61 -9.78 30.17
C PHE B 187 12.41 -8.50 30.50
N SER B 188 13.73 -8.64 30.63
CA SER B 188 14.64 -7.50 30.85
C SER B 188 15.66 -7.39 29.73
N GLY B 189 15.43 -6.43 28.81
CA GLY B 189 16.39 -6.13 27.76
C GLY B 189 16.38 -7.21 26.69
N ASN B 190 17.48 -7.27 25.93
CA ASN B 190 17.63 -8.22 24.81
C ASN B 190 17.33 -9.65 25.28
N THR B 191 16.43 -10.37 24.58
CA THR B 191 15.86 -11.64 25.06
C THR B 191 15.36 -12.47 23.89
N ASP B 192 15.72 -13.77 23.86
CA ASP B 192 15.08 -14.69 22.91
C ASP B 192 13.66 -15.04 23.35
N LEU B 193 12.68 -14.91 22.43
CA LEU B 193 11.30 -15.06 22.87
C LEU B 193 10.73 -16.42 22.44
N VAL B 194 10.58 -16.62 21.15
CA VAL B 194 10.26 -17.90 20.51
C VAL B 194 11.24 -18.04 19.36
N PRO B 195 11.48 -19.24 18.85
CA PRO B 195 12.50 -19.38 17.81
C PRO B 195 12.14 -18.48 16.63
N GLY B 196 13.10 -17.64 16.24
CA GLY B 196 12.86 -16.67 15.18
C GLY B 196 12.40 -15.29 15.64
N ILE B 197 12.13 -15.08 16.93
CA ILE B 197 11.74 -13.74 17.39
C ILE B 197 12.47 -13.38 18.68
N LYS B 198 13.07 -12.20 18.68
CA LYS B 198 13.86 -11.68 19.79
C LYS B 198 13.39 -10.28 20.16
N ALA B 199 13.46 -9.98 21.45
CA ALA B 199 13.29 -8.63 21.98
C ALA B 199 14.64 -7.95 21.95
N LEU B 200 14.67 -6.72 21.44
CA LEU B 200 15.87 -5.87 21.37
CA LEU B 200 15.87 -5.87 21.37
C LEU B 200 15.54 -4.56 22.07
N ALA B 201 16.25 -4.25 23.13
CA ALA B 201 15.94 -3.00 23.81
C ALA B 201 16.12 -1.81 22.88
N SER B 202 15.17 -0.87 22.94
CA SER B 202 15.19 0.39 22.20
C SER B 202 14.54 1.48 23.06
N HIS B 203 15.05 1.55 24.25
CA HIS B 203 14.53 2.41 25.26
C HIS B 203 14.65 3.91 25.00
N GLY B 204 13.62 4.64 25.32
CA GLY B 204 13.66 6.08 25.14
C GLY B 204 12.28 6.69 24.96
N HIS B 205 11.58 6.20 23.93
CA HIS B 205 10.21 6.65 23.66
C HIS B 205 9.36 6.34 24.94
N THR B 206 9.58 5.18 25.54
CA THR B 206 9.17 4.83 26.86
C THR B 206 10.34 4.12 27.54
N PRO B 207 10.31 4.02 28.87
CA PRO B 207 11.46 3.41 29.55
C PRO B 207 11.76 1.99 29.16
N GLY B 208 10.74 1.24 28.73
CA GLY B 208 10.90 -0.15 28.34
C GLY B 208 10.59 -0.36 26.87
N HIS B 209 10.70 0.70 26.03
CA HIS B 209 10.37 0.51 24.62
C HIS B 209 11.27 -0.54 23.99
N THR B 210 10.65 -1.48 23.25
CA THR B 210 11.32 -2.68 22.77
C THR B 210 11.02 -2.85 21.28
N THR B 211 12.07 -3.19 20.56
CA THR B 211 11.99 -3.58 19.20
C THR B 211 11.92 -5.13 19.10
N TYR B 212 11.13 -5.67 18.18
CA TYR B 212 11.07 -7.11 18.02
C TYR B 212 11.72 -7.53 16.68
N VAL B 213 12.71 -8.40 16.76
CA VAL B 213 13.42 -8.88 15.61
C VAL B 213 12.88 -10.23 15.14
N VAL B 214 12.38 -10.28 13.93
CA VAL B 214 11.76 -11.50 13.40
C VAL B 214 12.67 -12.01 12.30
N GLU B 215 13.12 -13.27 12.37
CA GLU B 215 14.06 -13.78 11.38
CA GLU B 215 13.97 -13.74 11.29
C GLU B 215 13.71 -15.21 11.00
N SER B 216 13.67 -15.50 9.71
CA SER B 216 13.47 -16.86 9.22
C SER B 216 14.25 -17.06 7.93
N LYS B 217 15.12 -18.09 7.90
CA LYS B 217 15.71 -18.52 6.64
C LYS B 217 16.43 -17.35 5.99
N GLY B 218 17.08 -16.52 6.81
CA GLY B 218 17.85 -15.44 6.29
C GLY B 218 17.05 -14.17 6.05
N GLN B 219 15.75 -14.19 6.30
CA GLN B 219 14.88 -13.05 6.00
C GLN B 219 14.52 -12.35 7.32
N LYS B 220 14.91 -11.09 7.45
CA LYS B 220 14.76 -10.36 8.68
C LYS B 220 13.81 -9.18 8.59
N LEU B 221 12.97 -9.06 9.61
CA LEU B 221 12.00 -7.96 9.69
C LEU B 221 12.10 -7.42 11.10
N VAL B 222 12.43 -6.12 11.23
CA VAL B 222 12.62 -5.52 12.53
C VAL B 222 11.43 -4.61 12.82
N LEU B 223 10.67 -4.98 13.85
CA LEU B 223 9.44 -4.26 14.23
C LEU B 223 9.83 -3.16 15.25
N LEU B 224 9.75 -1.90 14.84
CA LEU B 224 10.35 -0.79 15.57
C LEU B 224 9.40 -0.07 16.51
N GLY B 225 8.14 -0.50 16.62
CA GLY B 225 7.24 0.21 17.54
C GLY B 225 7.13 1.68 17.15
N ASP B 226 7.40 2.55 18.09
CA ASP B 226 7.32 3.97 17.92
C ASP B 226 8.68 4.71 17.84
N LEU B 227 9.60 4.10 17.17
CA LEU B 227 10.81 4.87 16.92
C LEU B 227 10.62 5.98 15.89
N ILE B 228 9.48 6.05 15.20
CA ILE B 228 9.22 7.19 14.33
C ILE B 228 7.73 7.46 14.41
N HIS B 229 7.35 8.73 14.28
CA HIS B 229 5.93 9.08 14.21
C HIS B 229 5.56 9.84 12.95
N VAL B 230 6.46 10.60 12.35
CA VAL B 230 6.12 11.51 11.25
C VAL B 230 7.18 11.31 10.18
N ALA B 231 6.95 10.35 9.27
CA ALA B 231 7.91 10.02 8.22
C ALA B 231 8.38 11.27 7.47
N ALA B 232 7.45 12.19 7.18
CA ALA B 232 7.84 13.32 6.31
C ALA B 232 8.79 14.31 7.00
N VAL B 233 8.98 14.16 8.30
CA VAL B 233 9.95 14.95 9.05
C VAL B 233 11.15 14.11 9.43
N GLN B 234 10.90 12.93 9.99
CA GLN B 234 11.94 12.28 10.76
C GLN B 234 12.81 11.30 9.98
N PHE B 235 12.50 11.00 8.72
CA PHE B 235 13.49 10.34 7.86
C PHE B 235 14.55 11.35 7.41
N ASP B 236 14.12 12.50 6.88
CA ASP B 236 15.09 13.52 6.46
C ASP B 236 15.90 14.02 7.66
N ASP B 237 15.23 14.19 8.81
CA ASP B 237 15.88 14.71 10.01
C ASP B 237 15.52 13.86 11.21
N PRO B 238 16.24 12.78 11.46
CA PRO B 238 15.94 11.91 12.61
C PRO B 238 16.17 12.55 13.96
N SER B 239 16.77 13.74 14.03
CA SER B 239 16.94 14.35 15.33
CA SER B 239 16.95 14.38 15.32
C SER B 239 15.65 14.95 15.88
N VAL B 240 14.60 15.12 15.07
CA VAL B 240 13.40 15.79 15.56
C VAL B 240 12.63 14.82 16.42
N THR B 241 12.36 15.18 17.68
CA THR B 241 11.66 14.30 18.61
C THR B 241 10.21 14.75 18.76
N ILE B 242 9.50 14.07 19.60
CA ILE B 242 8.10 14.31 19.72
C ILE B 242 7.65 14.30 21.19
N GLN B 243 6.53 15.00 21.49
CA GLN B 243 6.10 15.08 22.88
C GLN B 243 5.71 13.75 23.52
N PHE B 244 5.33 12.81 22.79
CA PHE B 244 5.02 11.50 23.27
C PHE B 244 6.25 10.76 23.82
N ASP B 245 7.47 11.18 23.50
CA ASP B 245 8.64 10.45 24.01
C ASP B 245 8.81 10.74 25.51
N SER B 246 8.96 9.68 26.30
CA SER B 246 9.34 9.84 27.71
C SER B 246 10.70 10.54 27.87
N ASP B 247 11.66 10.20 27.01
CA ASP B 247 13.04 10.68 27.08
C ASP B 247 13.39 11.05 25.64
N SER B 248 13.33 12.34 25.32
CA SER B 248 13.57 12.69 23.92
C SER B 248 14.98 12.39 23.45
N LYS B 249 15.99 12.57 24.31
CA LYS B 249 17.36 12.30 23.88
C LYS B 249 17.55 10.85 23.51
N ALA B 250 17.08 9.96 24.40
CA ALA B 250 17.17 8.53 24.13
C ALA B 250 16.34 8.16 22.90
N ALA B 251 15.16 8.77 22.77
CA ALA B 251 14.33 8.45 21.60
C ALA B 251 15.05 8.77 20.29
N ALA B 252 15.71 9.96 20.22
CA ALA B 252 16.45 10.30 19.00
C ALA B 252 17.60 9.33 18.77
N ALA B 253 18.35 8.98 19.83
CA ALA B 253 19.50 8.10 19.68
C ALA B 253 19.06 6.74 19.15
N GLU B 254 17.95 6.23 19.68
CA GLU B 254 17.45 4.89 19.30
C GLU B 254 16.95 4.87 17.86
N ARG B 255 16.26 5.95 17.45
CA ARG B 255 15.82 6.06 16.07
C ARG B 255 17.03 6.08 15.12
N LYS B 256 18.06 6.88 15.46
CA LYS B 256 19.24 6.96 14.60
C LYS B 256 19.96 5.62 14.53
N LYS B 257 20.06 4.90 15.66
CA LYS B 257 20.71 3.59 15.63
C LYS B 257 19.93 2.64 14.75
N ALA B 258 18.60 2.67 14.85
CA ALA B 258 17.81 1.70 14.10
C ALA B 258 17.87 1.99 12.60
N PHE B 259 17.78 3.27 12.22
CA PHE B 259 17.88 3.66 10.81
C PHE B 259 19.26 3.31 10.26
N ALA B 260 20.32 3.62 11.04
CA ALA B 260 21.67 3.28 10.56
C ALA B 260 21.82 1.77 10.37
N ASP B 261 21.32 0.97 11.32
CA ASP B 261 21.51 -0.46 11.22
CA ASP B 261 21.47 -0.47 11.28
C ASP B 261 20.67 -1.06 10.13
N ALA B 262 19.45 -0.54 9.89
CA ALA B 262 18.63 -1.02 8.78
C ALA B 262 19.26 -0.66 7.46
N ALA B 263 19.86 0.54 7.35
CA ALA B 263 20.53 0.93 6.10
C ALA B 263 21.70 0.00 5.82
N LYS B 264 22.51 -0.22 6.85
CA LYS B 264 23.68 -1.10 6.74
C LYS B 264 23.27 -2.53 6.40
N GLY B 265 22.27 -3.06 7.10
CA GLY B 265 21.90 -4.45 6.99
C GLY B 265 20.96 -4.76 5.82
N GLY B 266 20.26 -3.76 5.30
CA GLY B 266 19.41 -4.03 4.13
C GLY B 266 18.18 -4.89 4.38
N TYR B 267 17.70 -4.97 5.61
CA TYR B 267 16.55 -5.79 5.98
C TYR B 267 15.27 -4.93 6.10
N LEU B 268 14.14 -5.60 6.23
CA LEU B 268 12.88 -4.88 6.33
C LEU B 268 12.66 -4.35 7.75
N ILE B 269 11.97 -3.22 7.85
CA ILE B 269 11.42 -2.73 9.12
C ILE B 269 9.90 -2.66 9.00
N GLY B 270 9.23 -2.71 10.14
CA GLY B 270 7.81 -2.43 10.23
C GLY B 270 7.62 -1.50 11.40
N ALA B 271 6.86 -0.43 11.25
CA ALA B 271 6.78 0.59 12.30
C ALA B 271 5.33 1.00 12.52
N ALA B 272 4.96 1.15 13.79
CA ALA B 272 3.56 1.32 14.16
C ALA B 272 2.88 2.53 13.53
N HIS B 273 3.63 3.63 13.26
CA HIS B 273 3.01 4.86 12.79
C HIS B 273 3.52 5.27 11.42
N LEU B 274 4.07 4.33 10.66
CA LEU B 274 4.29 4.54 9.22
C LEU B 274 3.04 4.14 8.45
N SER B 275 2.80 4.83 7.32
CA SER B 275 1.57 4.62 6.56
C SER B 275 1.34 3.13 6.30
N PHE B 276 0.14 2.67 6.65
CA PHE B 276 -0.18 1.23 6.60
C PHE B 276 0.18 0.67 5.21
N PRO B 277 0.89 -0.47 5.14
CA PRO B 277 1.23 -1.41 6.23
C PRO B 277 2.50 -1.02 7.01
N GLY B 278 3.24 0.03 6.65
CA GLY B 278 4.35 0.44 7.50
C GLY B 278 5.56 -0.43 7.38
N ILE B 279 5.71 -1.15 6.28
CA ILE B 279 6.81 -2.10 6.08
C ILE B 279 7.65 -1.64 4.92
N GLY B 280 8.97 -1.72 5.08
CA GLY B 280 9.84 -1.33 3.97
C GLY B 280 11.28 -1.38 4.36
N HIS B 281 12.13 -0.97 3.41
CA HIS B 281 13.57 -0.87 3.68
C HIS B 281 13.95 0.56 3.94
N ILE B 282 15.18 0.72 4.43
CA ILE B 282 15.76 2.03 4.69
C ILE B 282 17.07 2.15 3.93
N ARG B 283 17.28 3.28 3.28
CA ARG B 283 18.53 3.62 2.63
C ARG B 283 19.08 4.90 3.21
N ALA B 284 20.40 5.02 3.38
CA ALA B 284 20.95 6.28 3.82
C ALA B 284 20.80 7.28 2.69
N ASP B 285 20.67 8.55 3.06
CA ASP B 285 20.44 9.62 2.10
C ASP B 285 21.04 10.90 2.71
N GLY B 286 22.33 11.10 2.46
CA GLY B 286 23.07 12.17 3.11
C GLY B 286 23.00 12.12 4.62
N LYS B 287 22.50 13.20 5.23
CA LYS B 287 22.41 13.24 6.68
C LYS B 287 21.21 12.47 7.18
N GLY B 288 20.27 12.11 6.28
CA GLY B 288 19.05 11.45 6.71
C GLY B 288 18.89 10.13 6.00
N TYR B 289 17.63 9.74 5.76
CA TYR B 289 17.30 8.40 5.32
C TYR B 289 16.12 8.50 4.39
N ARG B 290 16.00 7.48 3.55
CA ARG B 290 14.93 7.33 2.59
C ARG B 290 14.21 6.02 2.85
N PHE B 291 12.90 6.08 2.95
CA PHE B 291 12.10 4.87 3.19
C PHE B 291 11.71 4.31 1.84
N VAL B 292 11.85 2.98 1.70
CA VAL B 292 11.51 2.29 0.46
C VAL B 292 10.39 1.32 0.80
N PRO B 293 9.11 1.67 0.61
CA PRO B 293 8.02 0.72 0.95
C PRO B 293 8.16 -0.59 0.20
N VAL B 294 7.74 -1.66 0.87
CA VAL B 294 7.79 -2.99 0.27
C VAL B 294 6.92 -3.05 -0.99
N ASN B 295 7.46 -3.73 -1.98
CA ASN B 295 6.74 -4.01 -3.23
C ASN B 295 5.47 -4.79 -2.93
N TYR B 296 4.39 -4.44 -3.63
CA TYR B 296 3.13 -5.18 -3.42
C TYR B 296 3.29 -6.61 -3.94
N SER B 297 2.89 -7.60 -3.12
CA SER B 297 3.06 -9.01 -3.45
C SER B 297 1.82 -9.83 -3.09
N VAL B 298 1.47 -10.82 -3.94
CA VAL B 298 0.24 -11.60 -3.76
C VAL B 298 0.56 -13.05 -4.04
N ALA B 299 0.13 -13.91 -3.12
CA ALA B 299 0.38 -15.36 -3.18
C ALA B 299 -0.28 -16.05 -4.37
#